data_1SL3
#
_entry.id   1SL3
#
_cell.length_a   70.0
_cell.length_b   71.5
_cell.length_c   72.5
_cell.angle_alpha   90.0
_cell.angle_beta   100.6
_cell.angle_gamma   90.0
#
_symmetry.space_group_name_H-M   'C 1 2 1'
#
loop_
_entity.id
_entity.type
_entity.pdbx_description
1 polymer thrombin
2 polymer Hirudin
3 non-polymer (2-[6-CHLORO-3-{[2,2-DIFLUORO-2-(1-OXIDOPYRIDIN-2-YL)ETHYL]AMINO}-2-OXOPYRAZIN-1(2H)-YL]-N-[5-CHLORO-2-(1H-TETRAZOL-1-YL)BENZYL]ACETAMIDE
4 water water
#
loop_
_entity_poly.entity_id
_entity_poly.type
_entity_poly.pdbx_seq_one_letter_code
_entity_poly.pdbx_strand_id
1 'polypeptide(L)'
;DCGLRPLFEKKSLEDKTERELLESYIDGRIVEGSDAEIGMSPWQVMLFRKSPQELLCGASLISDRWVLTAAHCLLYPPWD
KNFTENDLLVRIGKHSRTRYERNIEKISMLEKIYIHPRYNWRENLDRDIALMKLKKPVAFSDYIHPVCLPDRETAASLLQ
AGYKGRVTGWGNLKETWTANVGKGQPSVLQVVNLPIVERPVCKDSTRIRITDNMFCAGYKPDEGKRGDACEGDSGGPFVM
KSPFNNRWYQMGIVSWGEGCDRDGKYGFYTHVFRLKKWIQKVIDQFG
;
A
2 'polypeptide(L)' DFEEIPEE(TYS)LA B
#
# COMPACT_ATOMS: atom_id res chain seq x y z
N ASP A 1 -1.18 15.93 -11.60
CA ASP A 1 -0.86 16.45 -10.23
C ASP A 1 -0.62 15.34 -9.19
N CYS A 2 -0.63 14.09 -9.64
CA CYS A 2 -0.41 12.96 -8.76
C CYS A 2 0.96 13.01 -8.08
N GLY A 3 1.04 12.37 -6.91
CA GLY A 3 2.30 12.31 -6.19
C GLY A 3 2.87 13.57 -5.57
N LEU A 4 2.11 14.66 -5.59
CA LEU A 4 2.55 15.91 -4.98
C LEU A 4 1.64 16.14 -3.78
N ARG A 5 2.19 15.99 -2.58
CA ARG A 5 1.41 16.15 -1.35
C ARG A 5 1.12 17.60 -0.98
N PRO A 6 -0.15 17.91 -0.70
CA PRO A 6 -0.58 19.25 -0.31
C PRO A 6 0.20 19.85 0.83
N LEU A 7 0.49 19.04 1.84
CA LEU A 7 1.19 19.54 3.02
C LEU A 7 2.71 19.45 2.99
N PHE A 8 3.27 18.97 1.86
CA PHE A 8 4.72 18.88 1.76
C PHE A 8 5.22 19.42 0.42
N GLU A 9 5.22 18.61 -0.62
CA GLU A 9 5.70 19.09 -1.92
C GLU A 9 5.06 20.40 -2.37
N LYS A 10 3.74 20.51 -2.21
CA LYS A 10 3.03 21.71 -2.64
C LYS A 10 3.44 22.99 -1.89
N LYS A 11 3.96 22.83 -0.67
CA LYS A 11 4.41 23.96 0.14
C LYS A 11 5.93 23.98 0.26
N SER A 12 6.59 23.08 -0.45
CA SER A 12 8.04 22.94 -0.41
C SER A 12 8.55 22.64 0.99
N LEU A 13 7.86 21.71 1.65
CA LEU A 13 8.23 21.26 2.98
C LEU A 13 8.55 19.78 2.80
N GLU A 14 9.54 19.28 3.53
CA GLU A 14 9.91 17.88 3.43
C GLU A 14 9.50 17.18 4.70
N ASP A 15 9.16 15.89 4.61
CA ASP A 15 8.80 15.16 5.82
C ASP A 15 10.13 14.75 6.44
N LYS A 16 10.11 14.26 7.67
CA LYS A 16 11.33 13.92 8.38
C LYS A 16 12.22 12.77 7.86
N THR A 17 11.72 11.92 6.98
CA THR A 17 12.57 10.82 6.51
C THR A 17 12.73 10.68 5.01
N GLU A 18 12.17 11.58 4.20
CA GLU A 18 12.32 11.43 2.76
C GLU A 18 13.77 11.58 2.31
N ARG A 19 14.58 12.29 3.08
CA ARG A 19 16.00 12.46 2.75
C ARG A 19 16.67 11.08 2.69
N GLU A 20 16.27 10.19 3.59
CA GLU A 20 16.82 8.83 3.63
C GLU A 20 16.63 8.12 2.30
N LEU A 21 15.46 8.30 1.69
CA LEU A 21 15.16 7.69 0.41
C LEU A 21 16.08 8.27 -0.66
N LEU A 22 16.14 9.59 -0.71
CA LEU A 22 16.97 10.27 -1.68
C LEU A 22 18.43 9.84 -1.60
N GLU A 23 18.99 9.76 -0.40
CA GLU A 23 20.38 9.37 -0.24
C GLU A 23 20.64 7.93 -0.72
N SER A 24 19.59 7.12 -0.78
CA SER A 24 19.72 5.74 -1.21
C SER A 24 19.64 5.60 -2.74
N TYR A 25 19.25 6.67 -3.43
CA TYR A 25 19.15 6.62 -4.89
C TYR A 25 20.48 7.08 -5.48
N ILE A 26 21.49 6.25 -5.32
CA ILE A 26 22.83 6.55 -5.82
C ILE A 26 23.34 5.40 -6.68
N ILE A 30 2.67 -2.51 10.68
CA ILE A 30 4.09 -2.15 10.41
C ILE A 30 4.92 -2.42 11.65
N VAL A 31 5.98 -3.19 11.49
CA VAL A 31 6.87 -3.53 12.60
C VAL A 31 8.09 -2.63 12.55
N GLU A 32 8.48 -2.10 13.70
CA GLU A 32 9.65 -1.23 13.81
C GLU A 32 9.57 0.04 12.97
N GLY A 33 8.37 0.60 12.84
CA GLY A 33 8.20 1.82 12.09
C GLY A 33 7.97 2.98 13.05
N SER A 34 7.35 4.05 12.57
CA SER A 34 7.08 5.20 13.43
C SER A 34 5.78 5.86 13.01
N ASP A 35 5.24 6.72 13.87
CA ASP A 35 4.00 7.40 13.54
C ASP A 35 4.23 8.30 12.34
N ALA A 36 3.28 8.28 11.42
CA ALA A 36 3.38 9.10 10.23
C ALA A 36 3.07 10.53 10.61
N GLU A 37 3.50 11.47 9.78
CA GLU A 37 3.22 12.88 10.02
C GLU A 37 1.88 13.14 9.36
N ILE A 38 1.20 14.20 9.79
CA ILE A 38 -0.10 14.54 9.22
C ILE A 38 0.08 14.82 7.72
N GLY A 39 -0.77 14.22 6.90
CA GLY A 39 -0.69 14.41 5.45
C GLY A 39 0.53 13.80 4.77
N MET A 40 1.22 12.92 5.47
CA MET A 40 2.43 12.29 4.93
C MET A 40 2.17 11.31 3.78
N SER A 41 1.03 10.62 3.82
CA SER A 41 0.66 9.65 2.78
C SER A 41 -0.80 9.89 2.45
N PRO A 42 -1.12 11.01 1.77
CA PRO A 42 -2.48 11.38 1.39
C PRO A 42 -3.22 10.40 0.50
N TRP A 43 -2.50 9.43 -0.06
CA TRP A 43 -3.08 8.42 -0.92
C TRP A 43 -3.42 7.14 -0.14
N GLN A 44 -3.09 7.13 1.16
CA GLN A 44 -3.37 5.96 1.98
C GLN A 44 -4.85 5.71 2.11
N VAL A 45 -5.26 4.48 1.86
CA VAL A 45 -6.66 4.11 1.95
C VAL A 45 -6.81 2.95 2.92
N MET A 46 -7.89 2.98 3.71
CA MET A 46 -8.16 1.90 4.66
C MET A 46 -9.36 1.11 4.13
N LEU A 47 -9.21 -0.20 4.01
CA LEU A 47 -10.32 -1.03 3.56
C LEU A 47 -10.98 -1.41 4.88
N PHE A 48 -12.22 -0.98 5.06
CA PHE A 48 -12.97 -1.22 6.29
C PHE A 48 -14.11 -2.20 6.09
N ARG A 49 -14.16 -3.22 6.93
CA ARG A 49 -15.22 -4.23 6.85
C ARG A 49 -16.42 -3.74 7.65
N LYS A 50 -17.61 -3.81 7.05
CA LYS A 50 -18.83 -3.37 7.71
C LYS A 50 -19.19 -4.18 8.94
N SER A 51 -19.37 -5.49 8.77
CA SER A 51 -19.73 -6.36 9.89
C SER A 51 -18.85 -7.60 9.99
N PRO A 52 -18.05 -7.68 11.06
CA PRO A 52 -17.99 -6.65 12.10
C PRO A 52 -17.11 -5.50 11.65
N GLN A 53 -17.30 -4.33 12.25
CA GLN A 53 -16.50 -3.17 11.88
C GLN A 53 -15.05 -3.44 12.28
N GLU A 54 -14.18 -3.57 11.29
CA GLU A 54 -12.79 -3.83 11.56
C GLU A 54 -11.89 -3.50 10.37
N LEU A 55 -10.60 -3.43 10.64
CA LEU A 55 -9.61 -3.16 9.60
C LEU A 55 -9.48 -4.40 8.73
N LEU A 56 -9.62 -4.23 7.42
CA LEU A 56 -9.51 -5.34 6.49
C LEU A 56 -8.13 -5.35 5.83
N CYS A 57 -7.71 -4.19 5.33
CA CYS A 57 -6.44 -4.08 4.64
C CYS A 57 -6.12 -2.63 4.36
N GLY A 58 -4.99 -2.40 3.71
CA GLY A 58 -4.60 -1.06 3.32
C GLY A 58 -4.89 -1.02 1.84
N ALA A 59 -4.70 0.14 1.23
CA ALA A 59 -4.93 0.32 -0.20
C ALA A 59 -4.39 1.70 -0.54
N SER A 60 -4.55 2.14 -1.78
CA SER A 60 -4.07 3.45 -2.18
C SER A 60 -4.99 4.11 -3.19
N LEU A 61 -5.02 5.43 -3.17
CA LEU A 61 -5.86 6.20 -4.08
C LEU A 61 -5.03 6.56 -5.30
N ILE A 62 -5.46 6.10 -6.48
CA ILE A 62 -4.71 6.40 -7.72
C ILE A 62 -5.42 7.39 -8.64
N SER A 63 -6.64 7.77 -8.28
CA SER A 63 -7.42 8.74 -9.04
C SER A 63 -8.58 9.10 -8.16
N ASP A 64 -9.43 10.01 -8.63
CA ASP A 64 -10.60 10.41 -7.83
C ASP A 64 -11.65 9.31 -7.70
N ARG A 65 -11.54 8.26 -8.49
CA ARG A 65 -12.53 7.18 -8.45
C ARG A 65 -11.96 5.77 -8.37
N TRP A 66 -10.65 5.61 -8.41
CA TRP A 66 -10.04 4.28 -8.36
C TRP A 66 -9.10 4.07 -7.18
N VAL A 67 -9.20 2.90 -6.57
CA VAL A 67 -8.38 2.50 -5.43
C VAL A 67 -7.68 1.18 -5.74
N LEU A 68 -6.38 1.14 -5.50
CA LEU A 68 -5.57 -0.05 -5.76
C LEU A 68 -5.28 -0.79 -4.46
N THR A 69 -5.32 -2.12 -4.51
CA THR A 69 -5.04 -2.92 -3.32
C THR A 69 -4.52 -4.30 -3.75
N ALA A 70 -4.32 -5.19 -2.78
CA ALA A 70 -3.83 -6.54 -3.07
C ALA A 70 -5.02 -7.47 -3.24
N ALA A 71 -4.97 -8.33 -4.26
CA ALA A 71 -6.05 -9.26 -4.51
C ALA A 71 -6.39 -10.13 -3.29
N HIS A 72 -5.37 -10.60 -2.57
CA HIS A 72 -5.65 -11.46 -1.42
C HIS A 72 -6.44 -10.77 -0.31
N CYS A 73 -6.58 -9.46 -0.40
CA CYS A 73 -7.35 -8.70 0.58
C CYS A 73 -8.84 -8.93 0.38
N LEU A 74 -9.21 -9.29 -0.85
CA LEU A 74 -10.61 -9.52 -1.21
C LEU A 74 -10.93 -10.98 -1.50
N LEU A 75 -9.95 -11.71 -2.03
CA LEU A 75 -10.14 -13.11 -2.35
C LEU A 75 -8.98 -13.99 -1.95
N TYR A 76 -9.24 -14.91 -1.02
CA TYR A 76 -8.21 -15.85 -0.58
C TYR A 76 -8.88 -17.06 0.06
N PRO A 77 -9.30 -18.02 -0.79
CA PRO A 77 -9.97 -19.26 -0.38
C PRO A 77 -9.35 -20.01 0.81
N PRO A 78 -8.01 -20.09 0.90
CA PRO A 78 -7.46 -20.80 2.05
C PRO A 78 -7.96 -20.31 3.40
N TRP A 79 -8.25 -19.01 3.50
CA TRP A 79 -8.75 -18.45 4.75
C TRP A 79 -10.23 -18.08 4.64
N ASP A 80 -10.91 -18.69 3.68
CA ASP A 80 -12.33 -18.43 3.45
C ASP A 80 -12.64 -16.95 3.34
N LYS A 81 -11.92 -16.27 2.46
CA LYS A 81 -12.12 -14.85 2.24
C LYS A 81 -12.60 -14.66 0.80
N ASN A 82 -13.76 -14.03 0.67
CA ASN A 82 -14.34 -13.77 -0.65
C ASN A 82 -15.33 -12.62 -0.49
N PHE A 83 -14.80 -11.44 -0.21
CA PHE A 83 -15.59 -10.23 -0.02
C PHE A 83 -16.18 -9.70 -1.31
N THR A 84 -17.37 -9.11 -1.21
CA THR A 84 -18.01 -8.50 -2.36
C THR A 84 -18.13 -7.00 -2.10
N GLU A 85 -18.57 -6.26 -3.11
CA GLU A 85 -18.70 -4.81 -3.00
C GLU A 85 -19.36 -4.30 -1.71
N ASN A 86 -20.55 -4.80 -1.40
CA ASN A 86 -21.28 -4.35 -0.21
C ASN A 86 -20.76 -4.80 1.15
N ASP A 87 -19.72 -5.62 1.16
CA ASP A 87 -19.14 -6.08 2.42
C ASP A 87 -18.12 -5.08 2.98
N LEU A 88 -17.64 -4.18 2.12
CA LEU A 88 -16.61 -3.24 2.52
C LEU A 88 -16.90 -1.75 2.28
N LEU A 89 -16.05 -0.93 2.89
CA LEU A 89 -16.10 0.52 2.77
C LEU A 89 -14.66 0.99 2.59
N VAL A 90 -14.48 2.14 1.97
CA VAL A 90 -13.16 2.70 1.76
C VAL A 90 -13.04 4.01 2.53
N ARG A 91 -12.09 4.07 3.47
CA ARG A 91 -11.88 5.25 4.28
C ARG A 91 -10.59 5.95 3.86
N ILE A 92 -10.74 7.14 3.29
CA ILE A 92 -9.62 7.92 2.77
C ILE A 92 -9.33 9.16 3.62
N GLY A 93 -8.06 9.54 3.71
CA GLY A 93 -7.67 10.72 4.46
C GLY A 93 -7.47 10.52 5.94
N LYS A 94 -7.40 9.26 6.37
CA LYS A 94 -7.25 8.96 7.78
C LYS A 94 -5.83 9.00 8.32
N HIS A 95 -5.74 9.14 9.63
CA HIS A 95 -4.48 9.15 10.36
C HIS A 95 -4.65 8.18 11.53
N SER A 96 -5.64 8.44 12.39
CA SER A 96 -5.92 7.55 13.51
C SER A 96 -6.52 6.26 12.94
N ARG A 97 -6.19 5.13 13.55
CA ARG A 97 -6.69 3.83 13.09
C ARG A 97 -8.17 3.59 13.38
N THR A 98 -8.55 3.70 14.65
CA THR A 98 -9.93 3.43 15.07
C THR A 98 -10.91 4.58 15.17
N ARG A 99 -10.42 5.80 15.28
CA ARG A 99 -11.32 6.93 15.45
C ARG A 99 -11.92 7.46 14.16
N TYR A 100 -13.20 7.86 14.22
CA TYR A 100 -13.87 8.44 13.07
C TYR A 100 -13.41 9.89 13.03
N GLU A 101 -12.51 10.20 12.10
CA GLU A 101 -11.95 11.54 12.00
C GLU A 101 -12.85 12.50 11.24
N ARG A 102 -13.86 12.97 11.97
CA ARG A 102 -14.86 13.90 11.47
C ARG A 102 -14.22 15.13 10.82
N ASN A 103 -14.74 15.49 9.65
CA ASN A 103 -14.27 16.65 8.90
C ASN A 103 -12.91 16.44 8.22
N ILE A 104 -12.41 15.22 8.23
CA ILE A 104 -11.11 14.95 7.61
C ILE A 104 -11.17 13.76 6.68
N GLU A 105 -11.57 12.61 7.21
CA GLU A 105 -11.65 11.42 6.37
C GLU A 105 -12.95 11.40 5.58
N LYS A 106 -12.95 10.63 4.50
CA LYS A 106 -14.11 10.49 3.64
C LYS A 106 -14.34 8.99 3.43
N ILE A 107 -15.55 8.53 3.74
CA ILE A 107 -15.88 7.13 3.59
C ILE A 107 -16.65 6.95 2.29
N SER A 108 -16.16 6.06 1.43
CA SER A 108 -16.79 5.82 0.14
C SER A 108 -17.26 4.37 0.00
N MET A 109 -18.32 4.17 -0.77
CA MET A 109 -18.84 2.83 -1.00
C MET A 109 -18.25 2.32 -2.30
N LEU A 110 -18.22 1.00 -2.45
CA LEU A 110 -17.66 0.39 -3.64
C LEU A 110 -18.71 0.10 -4.70
N GLU A 111 -18.36 0.40 -5.95
CA GLU A 111 -19.25 0.16 -7.07
C GLU A 111 -18.92 -1.21 -7.68
N LYS A 112 -17.64 -1.45 -7.93
CA LYS A 112 -17.20 -2.72 -8.51
C LYS A 112 -15.77 -3.05 -8.12
N ILE A 113 -15.49 -4.35 -8.00
CA ILE A 113 -14.17 -4.86 -7.66
C ILE A 113 -13.64 -5.61 -8.88
N TYR A 114 -12.37 -5.43 -9.18
CA TYR A 114 -11.73 -6.11 -10.32
C TYR A 114 -10.46 -6.79 -9.83
N ILE A 115 -10.46 -8.12 -9.89
CA ILE A 115 -9.31 -8.89 -9.46
C ILE A 115 -8.58 -9.39 -10.71
N HIS A 116 -7.25 -9.31 -10.71
CA HIS A 116 -6.49 -9.77 -11.86
C HIS A 116 -6.92 -11.21 -12.16
N PRO A 117 -7.25 -11.49 -13.43
CA PRO A 117 -7.68 -12.82 -13.88
C PRO A 117 -6.69 -13.94 -13.61
N ARG A 118 -5.40 -13.62 -13.62
CA ARG A 118 -4.38 -14.62 -13.38
C ARG A 118 -3.74 -14.54 -11.98
N TYR A 119 -4.44 -13.91 -11.04
CA TYR A 119 -3.95 -13.83 -9.66
C TYR A 119 -3.86 -15.27 -9.15
N ASN A 120 -2.69 -15.65 -8.62
CA ASN A 120 -2.44 -17.02 -8.15
C ASN A 120 -2.55 -17.16 -6.62
N TRP A 121 -3.74 -17.40 -6.12
CA TRP A 121 -3.92 -17.56 -4.68
C TRP A 121 -3.59 -18.98 -4.23
N ARG A 122 -3.59 -19.92 -5.18
CA ARG A 122 -3.32 -21.31 -4.87
C ARG A 122 -1.88 -21.60 -4.47
N GLU A 123 -0.94 -20.87 -5.05
CA GLU A 123 0.46 -21.13 -4.78
C GLU A 123 1.30 -20.08 -4.06
N ASN A 124 1.56 -18.97 -4.75
CA ASN A 124 2.45 -17.93 -4.22
C ASN A 124 1.96 -16.49 -4.27
N LEU A 125 0.67 -16.28 -4.45
CA LEU A 125 0.12 -14.93 -4.54
C LEU A 125 0.71 -14.14 -5.72
N ASP A 126 1.04 -14.85 -6.80
CA ASP A 126 1.57 -14.19 -7.98
C ASP A 126 0.47 -13.28 -8.51
N ARG A 127 0.83 -12.07 -8.94
CA ARG A 127 -0.13 -11.09 -9.45
C ARG A 127 -1.17 -10.72 -8.39
N ASP A 128 -0.67 -10.39 -7.20
CA ASP A 128 -1.50 -10.03 -6.06
C ASP A 128 -1.92 -8.56 -6.22
N ILE A 129 -2.94 -8.33 -7.04
CA ILE A 129 -3.39 -6.97 -7.31
C ILE A 129 -4.88 -6.93 -7.66
N ALA A 130 -5.53 -5.84 -7.26
CA ALA A 130 -6.95 -5.66 -7.54
C ALA A 130 -7.30 -4.18 -7.58
N LEU A 131 -8.33 -3.86 -8.36
CA LEU A 131 -8.80 -2.48 -8.47
C LEU A 131 -10.20 -2.39 -7.90
N MET A 132 -10.53 -1.23 -7.34
CA MET A 132 -11.85 -1.00 -6.77
C MET A 132 -12.34 0.35 -7.29
N LYS A 133 -13.49 0.36 -7.93
CA LYS A 133 -14.06 1.60 -8.45
C LYS A 133 -15.07 2.11 -7.42
N LEU A 134 -14.94 3.39 -7.05
CA LEU A 134 -15.82 3.99 -6.06
C LEU A 134 -17.13 4.45 -6.70
N LYS A 135 -18.22 4.40 -5.93
CA LYS A 135 -19.52 4.82 -6.45
C LYS A 135 -19.46 6.26 -6.95
N LYS A 136 -18.84 7.14 -6.18
CA LYS A 136 -18.71 8.54 -6.58
C LYS A 136 -17.34 9.09 -6.25
N PRO A 137 -16.87 10.03 -7.07
CA PRO A 137 -15.56 10.69 -6.91
C PRO A 137 -15.34 11.24 -5.51
N VAL A 138 -14.12 11.08 -5.01
CA VAL A 138 -13.76 11.57 -3.70
C VAL A 138 -13.14 12.94 -3.91
N ALA A 139 -13.50 13.91 -3.07
CA ALA A 139 -12.95 15.24 -3.19
C ALA A 139 -11.56 15.29 -2.57
N PHE A 140 -10.59 15.84 -3.29
CA PHE A 140 -9.24 15.92 -2.76
C PHE A 140 -9.16 17.01 -1.69
N SER A 141 -8.11 16.94 -0.88
CA SER A 141 -7.92 17.92 0.19
C SER A 141 -6.48 17.83 0.66
N ASP A 142 -6.16 18.49 1.76
CA ASP A 142 -4.82 18.45 2.30
C ASP A 142 -4.45 17.02 2.72
N TYR A 143 -5.46 16.22 3.03
CA TYR A 143 -5.24 14.85 3.50
C TYR A 143 -5.60 13.75 2.52
N ILE A 144 -6.17 14.13 1.38
CA ILE A 144 -6.58 13.17 0.36
C ILE A 144 -6.00 13.56 -1.00
N HIS A 145 -5.08 12.75 -1.50
CA HIS A 145 -4.45 13.05 -2.77
C HIS A 145 -3.92 11.77 -3.39
N PRO A 146 -4.05 11.61 -4.72
CA PRO A 146 -3.58 10.40 -5.38
C PRO A 146 -2.08 10.29 -5.61
N VAL A 147 -1.57 9.08 -5.56
CA VAL A 147 -0.15 8.82 -5.79
C VAL A 147 -0.02 8.52 -7.30
N CYS A 148 1.19 8.63 -7.85
CA CYS A 148 1.38 8.34 -9.26
C CYS A 148 1.70 6.88 -9.49
N LEU A 149 1.42 6.40 -10.70
CA LEU A 149 1.77 5.03 -11.08
C LEU A 149 3.01 5.18 -11.95
N PRO A 150 3.99 4.29 -11.77
CA PRO A 150 5.23 4.33 -12.54
C PRO A 150 5.10 3.99 -14.01
N ASP A 151 5.98 4.57 -14.82
CA ASP A 151 6.03 4.30 -16.24
C ASP A 151 7.27 3.42 -16.37
N ARG A 152 7.55 2.90 -17.55
CA ARG A 152 8.71 2.04 -17.73
C ARG A 152 10.03 2.63 -17.26
N GLU A 153 10.26 3.91 -17.58
CA GLU A 153 11.50 4.58 -17.20
C GLU A 153 11.64 4.73 -15.68
N THR A 154 10.57 5.16 -15.03
CA THR A 154 10.58 5.34 -13.59
C THR A 154 10.93 4.02 -12.89
N ALA A 155 10.28 2.94 -13.30
CA ALA A 155 10.53 1.63 -12.72
C ALA A 155 11.98 1.20 -12.93
N ALA A 156 12.48 1.36 -14.15
CA ALA A 156 13.86 0.98 -14.45
C ALA A 156 14.88 1.71 -13.59
N SER A 157 14.74 3.02 -13.45
CA SER A 157 15.70 3.78 -12.67
C SER A 157 15.60 3.68 -11.15
N LEU A 158 14.40 3.45 -10.62
CA LEU A 158 14.24 3.39 -9.16
C LEU A 158 14.19 2.00 -8.53
N LEU A 159 13.69 1.01 -9.26
CA LEU A 159 13.60 -0.35 -8.73
C LEU A 159 14.95 -1.07 -8.79
N GLN A 160 15.87 -0.63 -7.94
CA GLN A 160 17.21 -1.20 -7.87
C GLN A 160 17.57 -1.58 -6.44
N ALA A 161 18.26 -2.71 -6.28
CA ALA A 161 18.67 -3.16 -4.96
C ALA A 161 19.38 -2.01 -4.25
N GLY A 162 19.09 -1.83 -2.97
CA GLY A 162 19.72 -0.76 -2.23
C GLY A 162 18.83 0.48 -2.15
N TYR A 163 18.13 0.78 -3.24
CA TYR A 163 17.23 1.93 -3.27
C TYR A 163 16.10 1.70 -2.28
N LYS A 164 15.79 2.72 -1.49
CA LYS A 164 14.74 2.62 -0.48
C LYS A 164 13.37 3.10 -0.91
N GLY A 165 12.36 2.40 -0.40
CA GLY A 165 10.97 2.73 -0.66
C GLY A 165 10.31 2.95 0.70
N ARG A 166 9.04 3.33 0.70
CA ARG A 166 8.33 3.58 1.94
C ARG A 166 7.03 2.78 2.01
N VAL A 167 6.83 2.10 3.14
CA VAL A 167 5.63 1.30 3.34
C VAL A 167 4.84 1.89 4.52
N THR A 168 3.52 1.97 4.35
CA THR A 168 2.66 2.52 5.38
C THR A 168 1.42 1.66 5.61
N GLY A 169 0.92 1.67 6.84
CA GLY A 169 -0.26 0.88 7.14
C GLY A 169 -0.65 0.93 8.60
N TRP A 170 -1.83 0.40 8.89
CA TRP A 170 -2.36 0.35 10.26
C TRP A 170 -2.28 -1.08 10.78
N GLY A 171 -1.46 -1.91 10.14
CA GLY A 171 -1.32 -3.30 10.54
C GLY A 171 -0.64 -3.48 11.88
N ASN A 172 -0.56 -4.74 12.33
CA ASN A 172 0.06 -5.06 13.60
C ASN A 172 1.48 -4.53 13.73
N LEU A 173 1.85 -4.18 14.96
CA LEU A 173 3.17 -3.66 15.27
C LEU A 173 4.19 -4.78 15.48
N LYS A 174 3.69 -6.00 15.70
CA LYS A 174 4.54 -7.15 15.93
C LYS A 174 3.87 -8.42 15.37
N GLU A 175 4.68 -9.43 15.07
CA GLU A 175 4.12 -10.68 14.55
C GLU A 175 3.33 -11.38 15.65
N GLY A 184 -1.01 -5.56 19.90
CA GLY A 184 -0.11 -4.54 19.30
C GLY A 184 -0.73 -3.82 18.10
N GLN A 185 -1.77 -3.04 18.37
CA GLN A 185 -2.47 -2.28 17.33
C GLN A 185 -2.00 -0.82 17.44
N PRO A 186 -1.60 -0.21 16.32
CA PRO A 186 -1.14 1.18 16.35
C PRO A 186 -2.27 2.19 16.54
N SER A 187 -1.96 3.31 17.20
CA SER A 187 -2.96 4.34 17.39
C SER A 187 -3.10 5.15 16.10
N VAL A 188 -1.98 5.38 15.42
CA VAL A 188 -2.00 6.13 14.18
C VAL A 188 -1.23 5.43 13.06
N LEU A 189 -1.44 5.91 11.83
CA LEU A 189 -0.79 5.34 10.66
C LEU A 189 0.71 5.19 10.92
N GLN A 190 1.27 4.05 10.55
CA GLN A 190 2.69 3.78 10.75
C GLN A 190 3.44 3.86 9.42
N VAL A 191 4.73 4.15 9.50
CA VAL A 191 5.57 4.29 8.31
C VAL A 191 6.98 3.75 8.55
N VAL A 192 7.57 3.16 7.51
CA VAL A 192 8.93 2.64 7.60
C VAL A 192 9.53 2.64 6.21
N ASN A 193 10.80 3.03 6.11
CA ASN A 193 11.50 3.05 4.83
C ASN A 193 12.34 1.79 4.78
N LEU A 194 12.26 1.07 3.67
CA LEU A 194 12.98 -0.19 3.50
C LEU A 194 13.70 -0.27 2.16
N PRO A 195 14.91 -0.85 2.14
CA PRO A 195 15.68 -0.99 0.91
C PRO A 195 15.24 -2.19 0.06
N ILE A 196 15.23 -2.01 -1.26
CA ILE A 196 14.86 -3.09 -2.17
C ILE A 196 16.01 -4.10 -2.09
N VAL A 197 15.71 -5.39 -2.20
CA VAL A 197 16.75 -6.41 -2.10
C VAL A 197 16.97 -7.13 -3.43
N GLU A 198 18.22 -7.51 -3.71
CA GLU A 198 18.57 -8.21 -4.94
C GLU A 198 17.74 -9.48 -5.10
N ARG A 199 17.30 -9.76 -6.33
CA ARG A 199 16.49 -10.96 -6.58
C ARG A 199 17.05 -12.26 -6.01
N PRO A 200 18.36 -12.53 -6.21
CA PRO A 200 18.93 -13.77 -5.68
C PRO A 200 18.73 -13.93 -4.18
N VAL A 201 18.97 -12.85 -3.45
CA VAL A 201 18.81 -12.86 -2.00
C VAL A 201 17.34 -13.12 -1.64
N CYS A 202 16.43 -12.48 -2.36
CA CYS A 202 15.00 -12.71 -2.10
C CYS A 202 14.68 -14.19 -2.28
N LYS A 203 15.10 -14.75 -3.42
CA LYS A 203 14.86 -16.17 -3.72
C LYS A 203 15.43 -17.11 -2.67
N ASP A 204 16.68 -16.85 -2.27
CA ASP A 204 17.36 -17.68 -1.29
C ASP A 204 16.87 -17.58 0.14
N SER A 205 15.94 -16.67 0.40
CA SER A 205 15.43 -16.49 1.75
C SER A 205 14.17 -17.30 2.02
N THR A 206 13.57 -17.87 0.97
CA THR A 206 12.33 -18.60 1.14
C THR A 206 12.24 -19.84 0.26
N ARG A 207 11.27 -20.70 0.56
CA ARG A 207 11.05 -21.90 -0.24
C ARG A 207 9.93 -21.59 -1.24
N ILE A 208 9.25 -20.45 -1.04
CA ILE A 208 8.17 -20.03 -1.94
C ILE A 208 8.78 -19.64 -3.29
N ARG A 209 8.08 -20.00 -4.36
CA ARG A 209 8.51 -19.68 -5.72
C ARG A 209 8.23 -18.19 -6.00
N ILE A 210 9.29 -17.45 -6.31
CA ILE A 210 9.17 -16.04 -6.59
C ILE A 210 9.05 -15.80 -8.10
N THR A 211 8.27 -14.80 -8.50
CA THR A 211 8.08 -14.50 -9.91
C THR A 211 8.53 -13.07 -10.23
N ASP A 212 8.53 -12.73 -11.52
CA ASP A 212 8.92 -11.38 -11.93
C ASP A 212 7.85 -10.34 -11.58
N ASN A 213 6.71 -10.80 -11.06
CA ASN A 213 5.65 -9.87 -10.67
C ASN A 213 5.76 -9.46 -9.21
N MET A 214 6.90 -9.78 -8.59
CA MET A 214 7.13 -9.40 -7.20
C MET A 214 8.58 -9.02 -7.01
N PHE A 215 8.82 -8.27 -5.94
CA PHE A 215 10.18 -7.89 -5.56
C PHE A 215 10.12 -7.88 -4.04
N CYS A 216 11.27 -8.04 -3.39
CA CYS A 216 11.23 -8.05 -1.94
C CYS A 216 12.03 -6.89 -1.37
N ALA A 217 11.79 -6.55 -0.12
CA ALA A 217 12.50 -5.44 0.51
C ALA A 217 12.62 -5.65 2.01
N GLY A 218 13.63 -5.02 2.59
CA GLY A 218 13.86 -5.13 4.01
C GLY A 218 15.35 -5.17 4.26
N TYR A 219 15.74 -5.04 5.52
CA TYR A 219 17.14 -5.07 5.88
C TYR A 219 17.65 -6.48 6.12
N LYS A 220 18.92 -6.69 5.80
CA LYS A 220 19.57 -7.98 6.00
C LYS A 220 19.94 -7.99 7.49
N PRO A 221 20.18 -9.18 8.05
CA PRO A 221 20.56 -9.24 9.47
C PRO A 221 21.82 -8.44 9.82
N ASP A 222 22.77 -8.40 8.89
CA ASP A 222 24.02 -7.67 9.13
C ASP A 222 23.91 -6.16 8.97
N GLU A 223 22.75 -5.67 8.55
CA GLU A 223 22.56 -4.24 8.37
C GLU A 223 22.08 -3.50 9.62
N GLY A 224 21.82 -4.24 10.70
CA GLY A 224 21.39 -3.64 11.94
C GLY A 224 19.94 -3.16 12.03
N LYS A 225 19.58 -2.23 11.14
CA LYS A 225 18.22 -1.70 11.12
C LYS A 225 17.20 -2.76 10.71
N ARG A 226 15.95 -2.53 11.04
CA ARG A 226 14.91 -3.48 10.67
C ARG A 226 13.59 -2.82 10.32
N GLY A 227 12.55 -3.62 10.15
CA GLY A 227 11.25 -3.09 9.80
C GLY A 227 10.61 -3.98 8.75
N ASP A 228 9.29 -3.99 8.70
CA ASP A 228 8.57 -4.85 7.75
C ASP A 228 7.09 -4.52 7.89
N ALA A 229 6.29 -5.01 6.95
CA ALA A 229 4.85 -4.84 7.02
C ALA A 229 4.38 -6.05 7.83
N CYS A 230 3.13 -6.03 8.27
CA CYS A 230 2.59 -7.15 9.03
C CYS A 230 1.10 -7.30 8.75
N GLU A 231 0.39 -8.10 9.56
CA GLU A 231 -1.03 -8.33 9.32
C GLU A 231 -1.86 -7.06 9.32
N GLY A 232 -2.61 -6.86 8.25
CA GLY A 232 -3.42 -5.66 8.14
C GLY A 232 -2.82 -4.61 7.21
N ASP A 233 -1.53 -4.76 6.88
CA ASP A 233 -0.83 -3.82 6.00
C ASP A 233 -1.00 -4.22 4.53
N SER A 234 -1.36 -5.47 4.31
CA SER A 234 -1.56 -5.99 2.95
C SER A 234 -2.38 -4.99 2.15
N GLY A 235 -2.07 -4.86 0.87
CA GLY A 235 -2.81 -3.95 0.02
C GLY A 235 -2.30 -2.52 0.05
N GLY A 236 -1.50 -2.20 1.07
CA GLY A 236 -0.96 -0.87 1.21
C GLY A 236 0.10 -0.58 0.16
N PRO A 237 0.51 0.68 0.03
CA PRO A 237 1.52 1.05 -0.97
C PRO A 237 2.97 1.04 -0.53
N PHE A 238 3.85 0.69 -1.46
CA PHE A 238 5.29 0.73 -1.27
C PHE A 238 5.58 1.86 -2.25
N VAL A 239 5.98 3.04 -1.76
CA VAL A 239 6.23 4.17 -2.65
C VAL A 239 7.67 4.66 -2.65
N MET A 240 8.02 5.40 -3.70
CA MET A 240 9.37 5.95 -3.82
C MET A 240 9.21 7.36 -4.36
N LYS A 241 10.07 8.28 -3.90
CA LYS A 241 9.98 9.64 -4.39
C LYS A 241 11.02 9.83 -5.49
N SER A 242 10.55 10.09 -6.70
CA SER A 242 11.45 10.27 -7.82
C SER A 242 12.35 11.48 -7.63
N PRO A 243 13.67 11.29 -7.78
CA PRO A 243 14.60 12.41 -7.63
C PRO A 243 14.62 13.27 -8.90
N PHE A 244 13.91 12.80 -9.94
CA PHE A 244 13.84 13.48 -11.22
C PHE A 244 12.77 14.56 -11.27
N ASN A 245 11.56 14.23 -10.83
CA ASN A 245 10.46 15.19 -10.83
C ASN A 245 9.82 15.41 -9.45
N ASN A 246 10.45 14.87 -8.43
CA ASN A 246 10.00 14.99 -7.05
C ASN A 246 8.57 14.57 -6.73
N ARG A 247 8.04 13.63 -7.50
CA ARG A 247 6.70 13.12 -7.28
C ARG A 247 6.81 11.71 -6.69
N TRP A 248 5.83 11.33 -5.89
CA TRP A 248 5.82 10.01 -5.29
C TRP A 248 5.14 9.00 -6.23
N TYR A 249 5.77 7.84 -6.38
CA TYR A 249 5.26 6.78 -7.24
C TYR A 249 5.06 5.50 -6.44
N GLN A 250 3.96 4.81 -6.67
CA GLN A 250 3.72 3.56 -5.96
C GLN A 250 4.33 2.45 -6.82
N MET A 251 5.45 1.93 -6.36
CA MET A 251 6.16 0.88 -7.08
C MET A 251 5.68 -0.51 -6.69
N GLY A 252 5.10 -0.65 -5.51
CA GLY A 252 4.65 -1.97 -5.09
C GLY A 252 3.43 -1.97 -4.20
N ILE A 253 2.89 -3.16 -3.96
CA ILE A 253 1.72 -3.34 -3.11
C ILE A 253 2.12 -4.36 -2.06
N VAL A 254 1.92 -4.03 -0.78
CA VAL A 254 2.26 -4.98 0.30
C VAL A 254 1.53 -6.29 -0.01
N SER A 255 2.29 -7.35 -0.22
CA SER A 255 1.71 -8.64 -0.58
C SER A 255 1.86 -9.77 0.44
N TRP A 256 3.07 -10.28 0.61
CA TRP A 256 3.25 -11.38 1.55
C TRP A 256 4.60 -11.47 2.23
N GLY A 257 4.66 -12.31 3.25
CA GLY A 257 5.89 -12.53 4.00
C GLY A 257 5.70 -13.70 4.93
N GLU A 258 6.80 -14.31 5.39
CA GLU A 258 6.70 -15.42 6.31
C GLU A 258 6.99 -14.81 7.68
N GLY A 259 5.92 -14.54 8.42
CA GLY A 259 6.06 -13.91 9.71
C GLY A 259 6.24 -12.41 9.43
N CYS A 260 6.66 -11.66 10.45
CA CYS A 260 6.88 -10.22 10.30
C CYS A 260 8.21 -9.83 10.90
N ASP A 261 9.02 -9.13 10.12
CA ASP A 261 10.32 -8.65 10.56
C ASP A 261 11.23 -9.72 11.15
N ARG A 262 11.27 -10.90 10.53
CA ARG A 262 12.13 -11.96 11.02
C ARG A 262 13.49 -11.83 10.34
N ASP A 263 14.56 -12.12 11.09
CA ASP A 263 15.89 -12.03 10.51
C ASP A 263 16.02 -13.05 9.38
N GLY A 264 16.68 -12.65 8.29
CA GLY A 264 16.84 -13.53 7.16
C GLY A 264 15.65 -13.58 6.21
N LYS A 265 14.53 -12.97 6.61
CA LYS A 265 13.33 -12.94 5.79
C LYS A 265 13.09 -11.54 5.26
N TYR A 266 12.25 -11.42 4.23
CA TYR A 266 11.95 -10.13 3.63
C TYR A 266 10.48 -10.04 3.25
N GLY A 267 9.98 -8.82 3.12
CA GLY A 267 8.61 -8.63 2.71
C GLY A 267 8.55 -8.67 1.21
N PHE A 268 7.46 -9.21 0.66
CA PHE A 268 7.32 -9.28 -0.79
C PHE A 268 6.21 -8.37 -1.26
N TYR A 269 6.48 -7.66 -2.34
CA TYR A 269 5.53 -6.69 -2.87
C TYR A 269 5.20 -6.92 -4.33
N THR A 270 3.93 -6.67 -4.67
CA THR A 270 3.48 -6.81 -6.04
C THR A 270 4.18 -5.73 -6.88
N HIS A 271 4.75 -6.15 -8.01
CA HIS A 271 5.46 -5.26 -8.91
C HIS A 271 4.43 -4.51 -9.74
N VAL A 272 4.08 -3.29 -9.29
CA VAL A 272 3.06 -2.49 -9.95
C VAL A 272 3.28 -2.23 -11.45
N PHE A 273 4.48 -1.81 -11.84
CA PHE A 273 4.71 -1.55 -13.24
C PHE A 273 4.47 -2.78 -14.13
N ARG A 274 4.89 -3.95 -13.67
CA ARG A 274 4.72 -5.19 -14.44
C ARG A 274 3.24 -5.47 -14.75
N LEU A 275 2.35 -4.99 -13.90
CA LEU A 275 0.93 -5.22 -14.10
C LEU A 275 0.16 -3.96 -14.53
N LYS A 276 0.89 -2.92 -14.95
CA LYS A 276 0.23 -1.70 -15.37
C LYS A 276 -0.62 -1.89 -16.62
N LYS A 277 -0.22 -2.82 -17.48
CA LYS A 277 -0.97 -3.11 -18.70
C LYS A 277 -2.41 -3.43 -18.29
N TRP A 278 -2.55 -4.32 -17.30
CA TRP A 278 -3.86 -4.73 -16.80
C TRP A 278 -4.60 -3.55 -16.17
N ILE A 279 -3.91 -2.80 -15.32
CA ILE A 279 -4.50 -1.64 -14.65
C ILE A 279 -5.10 -0.68 -15.66
N GLN A 280 -4.31 -0.29 -16.66
CA GLN A 280 -4.76 0.62 -17.71
C GLN A 280 -5.98 0.05 -18.42
N LYS A 281 -5.88 -1.22 -18.83
CA LYS A 281 -6.97 -1.90 -19.52
C LYS A 281 -8.27 -1.78 -18.74
N VAL A 282 -8.23 -2.16 -17.46
CA VAL A 282 -9.42 -2.10 -16.61
C VAL A 282 -9.99 -0.68 -16.46
N ILE A 283 -9.11 0.28 -16.19
CA ILE A 283 -9.54 1.65 -16.00
C ILE A 283 -10.24 2.28 -17.22
N ASP A 284 -9.65 2.16 -18.40
CA ASP A 284 -10.28 2.75 -19.58
C ASP A 284 -11.42 1.92 -20.17
N GLN A 285 -11.53 0.66 -19.74
CA GLN A 285 -12.59 -0.20 -20.24
C GLN A 285 -13.88 -0.10 -19.42
N PHE A 286 -13.75 -0.17 -18.11
CA PHE A 286 -14.93 -0.10 -17.24
C PHE A 286 -15.17 1.28 -16.63
N GLY A 287 -14.09 2.02 -16.37
CA GLY A 287 -14.24 3.34 -15.79
C GLY A 287 -14.40 4.42 -16.85
N ASP B 1 -12.62 -2.41 18.69
CA ASP B 1 -12.45 -1.09 19.34
C ASP B 1 -12.51 0.06 18.34
N PHE B 2 -13.37 -0.06 17.33
CA PHE B 2 -13.52 0.96 16.32
C PHE B 2 -14.67 1.90 16.62
N GLU B 3 -14.43 3.19 16.48
CA GLU B 3 -15.43 4.20 16.73
C GLU B 3 -16.56 4.09 15.71
N GLU B 4 -17.79 4.23 16.19
CA GLU B 4 -18.97 4.14 15.34
C GLU B 4 -18.93 5.19 14.23
N ILE B 5 -19.12 4.75 12.99
CA ILE B 5 -19.12 5.67 11.87
C ILE B 5 -20.58 6.03 11.56
N PRO B 6 -20.81 7.21 10.98
CA PRO B 6 -22.16 7.66 10.63
C PRO B 6 -22.98 6.55 9.95
N GLU B 7 -24.29 6.53 10.22
CA GLU B 7 -25.16 5.53 9.64
C GLU B 7 -25.35 5.74 8.13
N GLU B 8 -25.16 6.98 7.68
CA GLU B 8 -25.30 7.31 6.26
C GLU B 8 -24.40 6.47 5.36
N LEU B 10 -23.22 3.33 6.39
CA LEU B 10 -23.58 1.94 6.64
C LEU B 10 -24.82 1.49 5.86
N ALA B 11 -25.73 2.43 5.62
CA ALA B 11 -26.96 2.12 4.90
C ALA B 11 -26.67 1.69 3.47
#